data_1B88
#
_entry.id   1B88
#
_cell.length_a   53.987
_cell.length_b   76.187
_cell.length_c   88.402
_cell.angle_alpha   90.00
_cell.angle_beta   90.00
_cell.angle_gamma   90.00
#
_symmetry.space_group_name_H-M   'P 21 21 21'
#
loop_
_entity.id
_entity.type
_entity.pdbx_description
1 polymer 'T CELL RECEPTOR V-ALPHA DOMAIN'
2 water water
#
_entity_poly.entity_id   1
_entity_poly.type   'polypeptide(L)'
_entity_poly.pdbx_seq_one_letter_code
;MQQVRQSPQSLTVWEGETAILNCSYENSAFDYFPWYQQFPGEGPALLISILSVSNKKEDGRFTIFFNKREKKLSLHIADS
QPGDSATYFCAASASFGDNSKLIWGLGTSLVVNP
;
_entity_poly.pdbx_strand_id   A,B
#
# COMPACT_ATOMS: atom_id res chain seq x y z
N MET A 1 -17.88 -13.66 8.31
CA MET A 1 -17.53 -12.52 7.41
C MET A 1 -16.84 -11.46 8.25
N GLN A 2 -15.72 -10.93 7.76
CA GLN A 2 -15.00 -9.90 8.51
C GLN A 2 -15.71 -8.56 8.37
N GLN A 3 -16.19 -8.03 9.49
CA GLN A 3 -16.92 -6.77 9.52
C GLN A 3 -16.27 -5.65 8.71
N VAL A 4 -15.14 -5.16 9.21
CA VAL A 4 -14.37 -4.10 8.54
C VAL A 4 -12.92 -4.51 8.72
N ARG A 5 -12.22 -4.68 7.60
CA ARG A 5 -10.81 -5.09 7.62
C ARG A 5 -9.95 -3.97 7.02
N GLN A 6 -8.96 -3.54 7.77
CA GLN A 6 -8.07 -2.48 7.31
C GLN A 6 -6.70 -3.02 6.99
N SER A 7 -6.19 -2.63 5.83
CA SER A 7 -4.88 -3.06 5.38
C SER A 7 -4.17 -1.88 4.73
N PRO A 8 -2.86 -1.73 4.96
CA PRO A 8 -1.99 -2.57 5.79
C PRO A 8 -2.21 -2.32 7.26
N GLN A 9 -1.35 -2.92 8.08
CA GLN A 9 -1.45 -2.75 9.51
C GLN A 9 -0.63 -1.55 9.92
N SER A 10 0.50 -1.37 9.24
CA SER A 10 1.38 -0.23 9.50
C SER A 10 2.05 0.15 8.21
N LEU A 11 2.49 1.39 8.17
CA LEU A 11 3.16 1.91 7.00
C LEU A 11 4.30 2.76 7.50
N THR A 12 4.99 3.32 6.53
CA THR A 12 6.10 4.23 6.74
C THR A 12 6.27 4.78 5.35
N VAL A 13 6.18 6.09 5.23
CA VAL A 13 6.28 6.72 3.93
C VAL A 13 7.12 7.99 4.07
N TRP A 14 7.75 8.42 2.99
CA TRP A 14 8.57 9.63 3.02
C TRP A 14 7.69 10.85 3.09
N GLU A 15 8.25 11.94 3.60
CA GLU A 15 7.50 13.19 3.66
C GLU A 15 7.10 13.51 2.22
N GLY A 16 5.97 14.18 2.04
CA GLY A 16 5.53 14.51 0.70
C GLY A 16 4.98 13.34 -0.10
N GLU A 17 5.04 12.14 0.47
CA GLU A 17 4.54 10.94 -0.21
C GLU A 17 3.03 10.79 -0.05
N THR A 18 2.38 10.19 -1.04
CA THR A 18 0.94 9.97 -0.98
C THR A 18 0.74 8.60 -0.33
N ALA A 19 0.05 8.57 0.82
CA ALA A 19 -0.20 7.33 1.56
C ALA A 19 -1.58 6.77 1.32
N ILE A 20 -1.67 5.45 1.14
CA ILE A 20 -2.96 4.80 0.94
C ILE A 20 -3.22 3.74 2.00
N LEU A 21 -4.24 3.99 2.79
CA LEU A 21 -4.65 3.10 3.86
C LEU A 21 -5.97 2.57 3.35
N ASN A 22 -6.04 1.26 3.13
CA ASN A 22 -7.26 0.62 2.63
C ASN A 22 -8.14 0.09 3.73
N CYS A 23 -9.41 -0.09 3.39
CA CYS A 23 -10.42 -0.59 4.30
C CYS A 23 -11.36 -1.47 3.46
N SER A 24 -11.89 -2.53 4.06
CA SER A 24 -12.79 -3.43 3.37
C SER A 24 -13.96 -3.79 4.29
N TYR A 25 -15.18 -3.65 3.79
CA TYR A 25 -16.35 -3.95 4.61
C TYR A 25 -17.15 -5.10 4.02
N GLU A 26 -17.61 -6.02 4.88
CA GLU A 26 -18.35 -7.17 4.41
C GLU A 26 -19.86 -7.00 4.33
N ASN A 27 -20.42 -6.14 5.17
CA ASN A 27 -21.87 -5.92 5.18
C ASN A 27 -22.32 -4.83 4.22
N SER A 28 -23.04 -5.24 3.19
CA SER A 28 -23.56 -4.33 2.17
C SER A 28 -24.45 -3.24 2.74
N ALA A 29 -25.11 -3.53 3.86
CA ALA A 29 -26.01 -2.58 4.50
C ALA A 29 -25.31 -1.33 5.04
N PHE A 30 -23.99 -1.40 5.11
CA PHE A 30 -23.18 -0.31 5.62
C PHE A 30 -23.26 0.91 4.68
N ASP A 31 -23.85 2.01 5.14
CA ASP A 31 -23.98 3.21 4.31
C ASP A 31 -23.26 4.44 4.84
N TYR A 32 -22.53 4.28 5.94
CA TYR A 32 -21.81 5.40 6.54
C TYR A 32 -20.39 5.01 6.89
N PHE A 33 -19.42 5.57 6.18
CA PHE A 33 -18.01 5.26 6.42
C PHE A 33 -17.18 6.45 6.90
N PRO A 34 -16.97 6.54 8.22
CA PRO A 34 -16.18 7.62 8.83
C PRO A 34 -14.76 7.14 9.09
N TRP A 35 -13.82 8.07 9.03
CA TRP A 35 -12.40 7.78 9.26
C TRP A 35 -11.89 8.62 10.40
N TYR A 36 -11.17 7.99 11.31
CA TYR A 36 -10.64 8.68 12.47
C TYR A 36 -9.13 8.82 12.43
N GLN A 37 -8.62 9.80 13.16
CA GLN A 37 -7.19 10.06 13.25
C GLN A 37 -6.85 9.99 14.72
N GLN A 38 -6.14 8.93 15.10
CA GLN A 38 -5.75 8.69 16.48
C GLN A 38 -4.27 9.01 16.68
N PHE A 39 -3.94 9.79 17.70
CA PHE A 39 -2.54 10.14 18.00
C PHE A 39 -2.02 9.36 19.19
N PRO A 40 -0.69 9.15 19.27
CA PRO A 40 0.07 8.42 20.28
C PRO A 40 -0.48 8.22 21.72
N GLY A 41 -1.31 9.12 22.21
CA GLY A 41 -1.85 8.93 23.55
C GLY A 41 -3.22 9.56 23.74
N GLU A 42 -3.83 9.95 22.63
CA GLU A 42 -5.14 10.59 22.65
C GLU A 42 -6.25 9.64 22.23
N GLY A 43 -7.42 10.21 21.95
CA GLY A 43 -8.56 9.43 21.51
C GLY A 43 -8.79 9.72 20.05
N PRO A 44 -9.40 8.80 19.30
CA PRO A 44 -9.68 8.98 17.87
C PRO A 44 -10.61 10.13 17.55
N ALA A 45 -10.14 11.01 16.67
CA ALA A 45 -10.92 12.17 16.23
C ALA A 45 -11.42 12.00 14.80
N LEU A 46 -12.72 12.16 14.59
CA LEU A 46 -13.30 12.01 13.25
C LEU A 46 -12.56 12.96 12.32
N LEU A 47 -11.79 12.35 11.44
CA LEU A 47 -10.94 13.01 10.48
C LEU A 47 -11.64 13.34 9.16
N ILE A 48 -12.47 12.44 8.66
CA ILE A 48 -13.18 12.67 7.40
C ILE A 48 -14.10 11.46 7.21
N SER A 49 -15.15 11.60 6.42
CA SER A 49 -16.10 10.51 6.22
C SER A 49 -16.80 10.59 4.88
N ILE A 50 -17.48 9.50 4.50
CA ILE A 50 -18.20 9.42 3.22
C ILE A 50 -19.40 8.50 3.35
N LEU A 51 -20.42 8.75 2.55
CA LEU A 51 -21.65 7.96 2.55
C LEU A 51 -21.60 7.02 1.35
N SER A 52 -22.46 6.00 1.35
CA SER A 52 -22.49 5.04 0.25
C SER A 52 -22.93 5.65 -1.08
N VAL A 53 -23.60 6.79 -1.01
CA VAL A 53 -24.04 7.47 -2.22
C VAL A 53 -22.85 8.18 -2.90
N SER A 54 -21.97 8.74 -2.09
CA SER A 54 -20.80 9.45 -2.59
C SER A 54 -19.68 8.42 -2.70
N ASN A 55 -18.82 8.55 -3.70
CA ASN A 55 -17.72 7.60 -3.85
C ASN A 55 -16.36 8.27 -3.89
N LYS A 56 -16.32 9.53 -3.46
CA LYS A 56 -15.10 10.33 -3.42
C LYS A 56 -15.37 11.47 -2.43
N LYS A 57 -14.31 12.03 -1.85
CA LYS A 57 -14.49 13.12 -0.90
C LYS A 57 -13.17 13.85 -0.65
N GLU A 58 -13.21 15.18 -0.71
CA GLU A 58 -12.04 16.03 -0.50
C GLU A 58 -12.16 16.93 0.73
N ASP A 59 -11.21 16.82 1.65
CA ASP A 59 -11.19 17.67 2.83
C ASP A 59 -10.11 18.69 2.55
N GLY A 60 -9.05 18.20 1.91
CA GLY A 60 -7.89 18.99 1.56
C GLY A 60 -6.77 18.02 1.81
N ARG A 61 -6.09 17.58 0.75
CA ARG A 61 -5.00 16.59 0.85
C ARG A 61 -5.44 15.37 1.68
N PHE A 62 -6.72 15.03 1.50
CA PHE A 62 -7.38 13.91 2.16
C PHE A 62 -8.50 13.43 1.26
N THR A 63 -8.41 12.18 0.83
CA THR A 63 -9.44 11.66 -0.04
C THR A 63 -9.85 10.27 0.32
N ILE A 64 -11.15 10.08 0.38
CA ILE A 64 -11.72 8.78 0.67
C ILE A 64 -12.28 8.33 -0.66
N PHE A 65 -11.76 7.22 -1.17
CA PHE A 65 -12.27 6.68 -2.40
C PHE A 65 -13.17 5.56 -1.95
N PHE A 66 -14.40 5.56 -2.45
CA PHE A 66 -15.36 4.57 -2.02
C PHE A 66 -15.97 3.76 -3.16
N ASN A 67 -15.59 2.50 -3.25
CA ASN A 67 -16.10 1.60 -4.27
C ASN A 67 -17.11 0.67 -3.61
N LYS A 68 -18.38 1.07 -3.61
CA LYS A 68 -19.43 0.26 -2.98
C LYS A 68 -19.64 -1.09 -3.64
N ARG A 69 -19.33 -1.19 -4.92
CA ARG A 69 -19.48 -2.42 -5.68
C ARG A 69 -18.69 -3.53 -4.99
N GLU A 70 -17.39 -3.33 -4.91
CA GLU A 70 -16.48 -4.30 -4.31
C GLU A 70 -16.54 -4.27 -2.78
N LYS A 71 -17.11 -3.18 -2.25
CA LYS A 71 -17.19 -2.96 -0.80
C LYS A 71 -15.79 -2.59 -0.32
N LYS A 72 -15.07 -1.86 -1.18
CA LYS A 72 -13.71 -1.42 -0.88
C LYS A 72 -13.68 0.08 -0.64
N LEU A 73 -12.81 0.50 0.26
CA LEU A 73 -12.71 1.89 0.63
C LEU A 73 -11.22 2.19 0.89
N SER A 74 -10.81 3.44 0.75
CA SER A 74 -9.41 3.81 0.98
C SER A 74 -9.17 5.30 1.23
N LEU A 75 -8.31 5.61 2.21
CA LEU A 75 -7.98 6.99 2.56
C LEU A 75 -6.59 7.33 2.02
N HIS A 76 -6.51 8.40 1.24
CA HIS A 76 -5.23 8.81 0.68
C HIS A 76 -4.80 10.10 1.36
N ILE A 77 -3.67 10.06 2.04
CA ILE A 77 -3.14 11.23 2.74
C ILE A 77 -2.07 11.89 1.86
N ALA A 78 -2.52 12.77 0.98
CA ALA A 78 -1.65 13.47 0.05
C ALA A 78 -0.59 14.34 0.73
N ASP A 79 0.61 14.37 0.16
CA ASP A 79 1.74 15.15 0.67
C ASP A 79 1.97 14.78 2.14
N SER A 80 1.95 13.49 2.42
CA SER A 80 2.11 13.00 3.78
C SER A 80 3.15 13.78 4.59
N GLN A 81 2.65 14.79 5.28
CA GLN A 81 3.44 15.64 6.14
C GLN A 81 3.79 14.74 7.33
N PRO A 82 5.03 14.84 7.86
CA PRO A 82 5.42 14.00 9.00
C PRO A 82 4.49 14.15 10.21
N GLY A 83 3.67 15.20 10.19
CA GLY A 83 2.72 15.43 11.27
C GLY A 83 1.54 14.48 11.22
N ASP A 84 1.31 13.88 10.05
CA ASP A 84 0.22 12.93 9.85
C ASP A 84 0.54 11.56 10.47
N SER A 85 1.69 11.45 11.11
CA SER A 85 2.09 10.20 11.75
C SER A 85 1.10 9.86 12.86
N ALA A 86 0.16 8.99 12.56
CA ALA A 86 -0.84 8.60 13.52
C ALA A 86 -1.50 7.29 13.09
N THR A 87 -2.30 6.73 13.97
CA THR A 87 -3.01 5.50 13.67
C THR A 87 -4.34 5.98 13.08
N TYR A 88 -4.71 5.46 11.93
CA TYR A 88 -5.96 5.86 11.30
C TYR A 88 -6.98 4.72 11.32
N PHE A 89 -8.19 5.03 11.75
CA PHE A 89 -9.26 4.03 11.85
C PHE A 89 -10.34 4.17 10.83
N CYS A 90 -10.78 3.03 10.32
CA CYS A 90 -11.86 3.03 9.36
C CYS A 90 -13.01 2.47 10.14
N ALA A 91 -14.16 3.09 10.02
CA ALA A 91 -15.31 2.62 10.73
C ALA A 91 -16.40 2.57 9.68
N ALA A 92 -17.48 1.85 9.99
CA ALA A 92 -18.61 1.71 9.08
C ALA A 92 -19.83 1.37 9.89
N SER A 93 -20.93 2.06 9.58
CA SER A 93 -22.18 1.86 10.28
C SER A 93 -23.26 1.70 9.24
N ALA A 94 -24.35 1.06 9.64
CA ALA A 94 -25.49 0.83 8.73
C ALA A 94 -26.19 2.14 8.40
N SER A 95 -26.13 3.11 9.31
CA SER A 95 -26.78 4.39 9.08
C SER A 95 -26.29 5.51 9.99
N PHE A 96 -26.35 6.71 9.44
CA PHE A 96 -26.00 7.90 10.16
C PHE A 96 -27.32 8.57 10.48
N GLY A 97 -27.43 9.11 11.69
CA GLY A 97 -28.66 9.77 12.09
C GLY A 97 -29.23 8.98 13.24
N ASP A 98 -29.76 7.81 12.95
CA ASP A 98 -30.31 6.95 13.99
C ASP A 98 -29.08 6.39 14.72
N ASN A 99 -29.29 5.84 15.91
CA ASN A 99 -28.16 5.31 16.65
C ASN A 99 -27.82 3.87 16.21
N SER A 100 -27.21 3.76 15.05
CA SER A 100 -26.78 2.47 14.51
C SER A 100 -25.33 2.32 14.90
N LYS A 101 -24.93 1.10 15.24
CA LYS A 101 -23.57 0.84 15.68
C LYS A 101 -22.50 1.01 14.61
N LEU A 102 -21.41 1.67 15.02
CA LEU A 102 -20.28 1.90 14.15
C LEU A 102 -19.39 0.70 14.37
N ILE A 103 -19.13 -0.07 13.33
CA ILE A 103 -18.26 -1.21 13.45
C ILE A 103 -16.87 -0.67 13.10
N TRP A 104 -15.99 -0.64 14.08
CA TRP A 104 -14.63 -0.13 13.92
C TRP A 104 -13.61 -1.11 13.39
N GLY A 105 -12.83 -0.68 12.42
CA GLY A 105 -11.77 -1.49 11.87
C GLY A 105 -10.72 -1.49 12.95
N LEU A 106 -9.49 -1.91 12.65
CA LEU A 106 -8.48 -1.89 13.71
C LEU A 106 -7.33 -0.90 13.51
N GLY A 107 -7.42 -0.08 12.47
CA GLY A 107 -6.42 0.92 12.24
C GLY A 107 -5.09 0.55 11.63
N THR A 108 -4.58 1.51 10.87
CA THR A 108 -3.32 1.40 10.19
C THR A 108 -2.41 2.51 10.72
N SER A 109 -1.28 2.13 11.28
CA SER A 109 -0.33 3.10 11.82
C SER A 109 0.44 3.75 10.67
N LEU A 110 0.52 5.07 10.71
CA LEU A 110 1.25 5.80 9.69
C LEU A 110 2.43 6.51 10.30
N VAL A 111 3.59 6.32 9.69
CA VAL A 111 4.80 6.97 10.16
C VAL A 111 5.36 7.62 8.91
N VAL A 112 5.37 8.94 8.91
CA VAL A 112 5.90 9.70 7.80
C VAL A 112 7.11 10.42 8.33
N ASN A 113 8.20 10.29 7.60
CA ASN A 113 9.44 10.92 8.00
C ASN A 113 10.11 11.53 6.78
N PRO A 114 10.88 12.60 6.99
CA PRO A 114 11.61 13.32 5.94
C PRO A 114 12.85 12.56 5.42
N MET B 1 19.31 12.70 -9.10
CA MET B 1 18.44 11.95 -10.06
C MET B 1 18.50 10.44 -9.84
N GLN B 2 17.79 9.97 -8.81
CA GLN B 2 17.75 8.55 -8.50
C GLN B 2 16.62 8.01 -9.37
N GLN B 3 16.92 6.98 -10.16
CA GLN B 3 15.96 6.44 -11.12
C GLN B 3 15.03 5.23 -10.87
N VAL B 4 15.00 4.70 -9.65
CA VAL B 4 14.12 3.59 -9.30
C VAL B 4 13.51 3.85 -7.92
N ARG B 5 12.40 4.56 -7.94
CA ARG B 5 11.68 4.96 -6.75
C ARG B 5 10.85 3.80 -6.21
N GLN B 6 11.01 3.48 -4.94
CA GLN B 6 10.25 2.40 -4.32
C GLN B 6 9.37 2.95 -3.22
N SER B 7 8.17 2.38 -3.11
CA SER B 7 7.21 2.82 -2.11
C SER B 7 6.28 1.70 -1.73
N PRO B 8 5.99 1.56 -0.42
CA PRO B 8 6.50 2.39 0.68
C PRO B 8 7.86 1.90 1.19
N GLN B 9 8.36 2.52 2.26
CA GLN B 9 9.64 2.16 2.85
C GLN B 9 9.48 0.95 3.75
N SER B 10 8.59 1.05 4.73
CA SER B 10 8.32 -0.04 5.64
C SER B 10 6.85 -0.39 5.47
N LEU B 11 6.50 -1.61 5.84
CA LEU B 11 5.13 -2.07 5.71
C LEU B 11 4.95 -3.35 6.53
N THR B 12 3.93 -3.39 7.38
CA THR B 12 3.65 -4.61 8.12
C THR B 12 2.34 -5.08 7.57
N VAL B 13 2.07 -6.35 7.71
CA VAL B 13 0.86 -6.89 7.14
C VAL B 13 0.45 -8.10 7.96
N TRP B 14 -0.67 -8.71 7.59
CA TRP B 14 -1.18 -9.90 8.30
C TRP B 14 -0.87 -11.14 7.48
N GLU B 15 -0.74 -12.27 8.16
CA GLU B 15 -0.48 -13.55 7.52
C GLU B 15 -1.65 -13.79 6.56
N GLY B 16 -1.36 -14.14 5.32
CA GLY B 16 -2.41 -14.38 4.35
C GLY B 16 -2.83 -13.13 3.62
N GLU B 17 -2.63 -11.98 4.27
CA GLU B 17 -2.96 -10.68 3.70
C GLU B 17 -2.05 -10.45 2.49
N THR B 18 -2.57 -9.80 1.46
CA THR B 18 -1.80 -9.52 0.25
C THR B 18 -1.02 -8.19 0.36
N ALA B 19 0.30 -8.26 0.20
CA ALA B 19 1.15 -7.05 0.28
C ALA B 19 1.41 -6.51 -1.11
N ILE B 20 1.49 -5.18 -1.20
CA ILE B 20 1.76 -4.54 -2.47
C ILE B 20 2.93 -3.57 -2.36
N LEU B 21 3.97 -3.84 -3.13
CA LEU B 21 5.17 -3.03 -3.14
C LEU B 21 5.24 -2.38 -4.51
N ASN B 22 5.24 -1.04 -4.52
CA ASN B 22 5.28 -0.27 -5.75
C ASN B 22 6.66 0.19 -6.13
N CYS B 23 6.83 0.50 -7.42
CA CYS B 23 8.10 0.96 -7.95
C CYS B 23 7.82 1.82 -9.17
N SER B 24 8.56 2.90 -9.31
CA SER B 24 8.42 3.81 -10.45
C SER B 24 9.83 4.12 -10.91
N TYR B 25 9.99 4.33 -12.20
CA TYR B 25 11.30 4.64 -12.74
C TYR B 25 11.19 5.77 -13.73
N GLU B 26 12.30 6.42 -14.03
CA GLU B 26 12.31 7.53 -14.98
C GLU B 26 12.97 7.18 -16.32
N ASN B 27 14.15 6.57 -16.28
CA ASN B 27 14.82 6.23 -17.52
C ASN B 27 13.99 5.28 -18.38
N SER B 28 13.33 5.85 -19.38
CA SER B 28 12.48 5.09 -20.30
C SER B 28 13.18 3.92 -20.98
N ALA B 29 14.50 3.97 -21.05
CA ALA B 29 15.29 2.91 -21.67
C ALA B 29 15.23 1.62 -20.87
N PHE B 30 14.71 1.70 -19.65
CA PHE B 30 14.60 0.56 -18.79
C PHE B 30 13.66 -0.48 -19.40
N ASP B 31 14.19 -1.68 -19.63
CA ASP B 31 13.41 -2.76 -20.21
C ASP B 31 13.48 -4.06 -19.40
N TYR B 32 14.39 -4.14 -18.43
CA TYR B 32 14.52 -5.34 -17.62
C TYR B 32 14.41 -4.94 -16.17
N PHE B 33 13.38 -5.45 -15.51
CA PHE B 33 13.12 -5.12 -14.11
C PHE B 33 13.08 -6.30 -13.15
N PRO B 34 14.19 -6.57 -12.46
CA PRO B 34 14.25 -7.69 -11.50
C PRO B 34 14.04 -7.25 -10.06
N TRP B 35 13.32 -8.07 -9.30
CA TRP B 35 13.09 -7.77 -7.89
C TRP B 35 13.93 -8.76 -7.11
N TYR B 36 14.57 -8.27 -6.07
CA TYR B 36 15.41 -9.10 -5.24
C TYR B 36 14.82 -9.16 -3.85
N GLN B 37 15.02 -10.28 -3.20
CA GLN B 37 14.49 -10.51 -1.88
C GLN B 37 15.71 -10.54 -0.97
N GLN B 38 15.68 -9.81 0.12
CA GLN B 38 16.82 -9.81 1.01
C GLN B 38 16.44 -10.08 2.46
N PHE B 39 16.84 -11.25 2.97
CA PHE B 39 16.55 -11.62 4.35
C PHE B 39 17.63 -11.01 5.21
N PRO B 40 17.33 -10.77 6.50
CA PRO B 40 18.33 -10.17 7.39
C PRO B 40 19.69 -10.87 7.41
N GLY B 41 20.75 -10.05 7.44
CA GLY B 41 22.11 -10.56 7.47
C GLY B 41 22.50 -11.26 6.18
N GLU B 42 21.91 -10.84 5.06
CA GLU B 42 22.20 -11.43 3.77
C GLU B 42 22.11 -10.38 2.70
N GLY B 43 22.60 -10.71 1.51
CA GLY B 43 22.55 -9.78 0.41
C GLY B 43 21.39 -10.15 -0.49
N PRO B 44 21.06 -9.31 -1.46
CA PRO B 44 19.97 -9.50 -2.42
C PRO B 44 20.02 -10.86 -3.08
N ALA B 45 18.86 -11.33 -3.50
CA ALA B 45 18.70 -12.63 -4.14
C ALA B 45 17.56 -12.50 -5.13
N LEU B 46 17.84 -12.80 -6.40
CA LEU B 46 16.84 -12.70 -7.44
C LEU B 46 15.58 -13.42 -6.96
N LEU B 47 14.44 -12.73 -7.06
CA LEU B 47 13.16 -13.26 -6.64
C LEU B 47 12.28 -13.46 -7.86
N ILE B 48 12.05 -12.38 -8.60
CA ILE B 48 11.21 -12.45 -9.78
C ILE B 48 11.47 -11.24 -10.65
N SER B 49 11.41 -11.44 -11.96
CA SER B 49 11.67 -10.40 -12.95
C SER B 49 10.40 -10.01 -13.72
N ILE B 50 10.59 -9.28 -14.82
CA ILE B 50 9.50 -8.84 -15.69
C ILE B 50 10.19 -8.04 -16.82
N LEU B 51 9.94 -8.44 -18.07
CA LEU B 51 10.53 -7.76 -19.21
C LEU B 51 9.51 -6.77 -19.69
N SER B 52 9.97 -5.62 -20.17
CA SER B 52 9.08 -4.57 -20.64
C SER B 52 8.06 -5.01 -21.69
N VAL B 53 8.27 -6.20 -22.27
CA VAL B 53 7.35 -6.73 -23.27
C VAL B 53 6.00 -7.10 -22.67
N SER B 54 6.05 -7.69 -21.48
CA SER B 54 4.85 -8.12 -20.79
C SER B 54 4.14 -7.04 -19.98
N ASN B 55 3.23 -7.48 -19.12
CA ASN B 55 2.44 -6.63 -18.26
C ASN B 55 2.38 -7.24 -16.87
N LYS B 56 2.49 -8.56 -16.79
CA LYS B 56 2.47 -9.25 -15.52
C LYS B 56 3.20 -10.58 -15.61
N LYS B 57 3.89 -10.93 -14.52
CA LYS B 57 4.65 -12.15 -14.44
C LYS B 57 4.04 -12.93 -13.30
N GLU B 58 3.69 -14.18 -13.57
CA GLU B 58 3.11 -15.02 -12.57
C GLU B 58 4.15 -15.95 -11.98
N ASP B 59 4.02 -16.18 -10.68
CA ASP B 59 4.87 -17.08 -9.93
C ASP B 59 3.96 -17.61 -8.82
N GLY B 60 4.51 -18.41 -7.92
CA GLY B 60 3.70 -18.90 -6.82
C GLY B 60 3.41 -17.71 -5.91
N ARG B 61 2.26 -17.09 -6.11
CA ARG B 61 1.79 -15.92 -5.32
C ARG B 61 2.64 -14.65 -5.32
N PHE B 62 3.51 -14.53 -6.31
CA PHE B 62 4.35 -13.37 -6.47
C PHE B 62 3.99 -12.93 -7.88
N THR B 63 3.46 -11.74 -8.01
CA THR B 63 3.09 -11.28 -9.33
C THR B 63 3.62 -9.88 -9.53
N ILE B 64 4.26 -9.65 -10.68
CA ILE B 64 4.80 -8.34 -10.97
C ILE B 64 3.92 -7.62 -11.97
N PHE B 65 3.20 -6.62 -11.49
CA PHE B 65 2.34 -5.83 -12.36
C PHE B 65 3.23 -4.73 -12.87
N PHE B 66 3.25 -4.57 -14.17
CA PHE B 66 4.10 -3.58 -14.80
C PHE B 66 3.32 -2.78 -15.85
N ASN B 67 3.55 -1.47 -15.88
CA ASN B 67 2.89 -0.57 -16.83
C ASN B 67 3.91 0.29 -17.51
N LYS B 68 4.18 -0.01 -18.79
CA LYS B 68 5.17 0.74 -19.55
C LYS B 68 4.80 2.20 -19.73
N ARG B 69 3.59 2.44 -20.23
CA ARG B 69 3.11 3.79 -20.47
C ARG B 69 3.30 4.70 -19.24
N GLU B 70 2.85 4.22 -18.08
CA GLU B 70 2.96 4.99 -16.85
C GLU B 70 4.21 4.71 -16.03
N LYS B 71 5.10 3.89 -16.58
CA LYS B 71 6.38 3.52 -15.95
C LYS B 71 6.35 3.16 -14.46
N LYS B 72 5.30 2.43 -14.08
CA LYS B 72 5.15 1.98 -12.70
C LYS B 72 4.85 0.50 -12.70
N LEU B 73 5.52 -0.24 -11.82
CA LEU B 73 5.30 -1.67 -11.69
C LEU B 73 5.18 -1.95 -10.20
N SER B 74 4.80 -3.18 -9.85
CA SER B 74 4.63 -3.50 -8.44
C SER B 74 4.72 -4.98 -8.18
N LEU B 75 5.21 -5.33 -7.00
CA LEU B 75 5.30 -6.72 -6.61
C LEU B 75 4.07 -6.92 -5.76
N HIS B 76 3.31 -7.97 -6.07
CA HIS B 76 2.12 -8.31 -5.31
C HIS B 76 2.40 -9.68 -4.68
N ILE B 77 2.43 -9.73 -3.34
CA ILE B 77 2.67 -10.97 -2.62
C ILE B 77 1.34 -11.52 -2.09
N ALA B 78 0.73 -12.45 -2.81
CA ALA B 78 -0.51 -13.05 -2.38
C ALA B 78 -0.23 -13.92 -1.15
N ASP B 79 -1.19 -14.04 -0.25
CA ASP B 79 -1.04 -14.86 0.95
C ASP B 79 0.29 -14.64 1.70
N SER B 80 0.58 -13.39 2.03
CA SER B 80 1.81 -13.07 2.73
C SER B 80 2.07 -13.99 3.90
N GLN B 81 3.13 -14.76 3.81
CA GLN B 81 3.49 -15.68 4.87
C GLN B 81 4.63 -15.06 5.66
N PRO B 82 4.71 -15.32 6.98
CA PRO B 82 5.76 -14.78 7.85
C PRO B 82 7.15 -15.09 7.35
N GLY B 83 7.24 -15.96 6.35
CA GLY B 83 8.52 -16.29 5.78
C GLY B 83 8.92 -15.16 4.86
N ASP B 84 7.93 -14.59 4.18
CA ASP B 84 8.15 -13.49 3.26
C ASP B 84 8.61 -12.22 3.94
N SER B 85 8.89 -12.28 5.23
CA SER B 85 9.36 -11.10 5.92
C SER B 85 10.80 -10.85 5.48
N ALA B 86 10.97 -9.98 4.50
CA ALA B 86 12.27 -9.64 3.98
C ALA B 86 12.23 -8.21 3.49
N THR B 87 13.32 -7.80 2.86
CA THR B 87 13.42 -6.46 2.28
C THR B 87 13.40 -6.72 0.78
N TYR B 88 12.51 -6.03 0.08
CA TYR B 88 12.36 -6.21 -1.36
C TYR B 88 12.92 -5.05 -2.14
N PHE B 89 13.78 -5.37 -3.10
CA PHE B 89 14.42 -4.38 -3.94
C PHE B 89 13.90 -4.39 -5.34
N CYS B 90 13.60 -3.22 -5.87
CA CYS B 90 13.14 -3.09 -7.23
C CYS B 90 14.34 -2.53 -7.97
N ALA B 91 14.81 -3.26 -8.96
CA ALA B 91 15.94 -2.82 -9.75
C ALA B 91 15.46 -2.75 -11.18
N ALA B 92 16.05 -1.84 -11.95
CA ALA B 92 15.71 -1.66 -13.35
C ALA B 92 17.01 -1.62 -14.13
N SER B 93 16.98 -2.15 -15.33
CA SER B 93 18.15 -2.15 -16.18
C SER B 93 17.66 -1.76 -17.55
N ALA B 94 18.56 -1.19 -18.33
CA ALA B 94 18.22 -0.76 -19.67
C ALA B 94 18.24 -1.94 -20.63
N SER B 95 18.79 -3.07 -20.17
CA SER B 95 18.86 -4.26 -21.00
C SER B 95 19.50 -5.43 -20.29
N PHE B 96 19.08 -6.63 -20.63
CA PHE B 96 19.66 -7.83 -20.07
C PHE B 96 20.52 -8.38 -21.19
N GLY B 97 21.69 -8.91 -20.84
CA GLY B 97 22.60 -9.43 -21.86
C GLY B 97 23.81 -8.50 -21.95
N ASP B 98 23.70 -7.43 -22.73
CA ASP B 98 24.82 -6.48 -22.83
C ASP B 98 24.87 -5.63 -21.58
N ASN B 99 25.98 -5.79 -20.88
CA ASN B 99 26.23 -5.09 -19.63
C ASN B 99 25.88 -3.61 -19.58
N SER B 100 24.68 -3.35 -19.08
CA SER B 100 24.17 -2.00 -18.87
C SER B 100 23.89 -2.12 -17.36
N LYS B 101 24.62 -1.37 -16.54
CA LYS B 101 24.45 -1.45 -15.09
C LYS B 101 23.00 -1.36 -14.60
N LEU B 102 22.75 -2.11 -13.53
CA LEU B 102 21.43 -2.23 -12.89
C LEU B 102 21.20 -1.13 -11.85
N ILE B 103 20.16 -0.34 -12.06
CA ILE B 103 19.82 0.75 -11.15
C ILE B 103 18.82 0.24 -10.11
N TRP B 104 19.24 0.15 -8.86
CA TRP B 104 18.39 -0.34 -7.76
C TRP B 104 17.50 0.70 -7.10
N GLY B 105 16.49 0.21 -6.40
CA GLY B 105 15.58 1.07 -5.66
C GLY B 105 16.12 1.04 -4.23
N LEU B 106 15.66 1.95 -3.38
CA LEU B 106 16.14 1.97 -2.01
C LEU B 106 15.63 0.79 -1.19
N GLY B 107 14.57 0.16 -1.69
CA GLY B 107 14.00 -0.99 -1.02
C GLY B 107 12.76 -0.72 -0.19
N THR B 108 11.91 -1.74 -0.05
CA THR B 108 10.69 -1.70 0.73
C THR B 108 10.74 -2.88 1.68
N SER B 109 10.83 -2.61 2.97
CA SER B 109 10.87 -3.67 3.96
C SER B 109 9.47 -4.17 4.21
N LEU B 110 9.35 -5.45 4.48
CA LEU B 110 8.05 -6.03 4.76
C LEU B 110 8.15 -6.80 6.05
N VAL B 111 6.98 -7.01 6.64
CA VAL B 111 6.83 -7.78 7.87
C VAL B 111 5.42 -8.33 7.82
N VAL B 112 5.32 -9.65 7.87
CA VAL B 112 4.05 -10.34 7.82
C VAL B 112 3.75 -10.92 9.19
N ASN B 113 2.89 -10.23 9.94
CA ASN B 113 2.50 -10.70 11.26
C ASN B 113 1.51 -11.83 11.07
N PRO B 114 1.61 -12.88 11.91
CA PRO B 114 0.71 -14.05 11.84
C PRO B 114 -0.70 -13.67 12.28
#